data_6N1X
#
_entry.id   6N1X
#
_cell.length_a   135.143
_cell.length_b   135.143
_cell.length_c   135.143
_cell.angle_alpha   90.000
_cell.angle_beta   90.000
_cell.angle_gamma   90.000
#
_symmetry.space_group_name_H-M   'P 2 3'
#
loop_
_entity.id
_entity.type
_entity.pdbx_description
1 polymer Glycosyltransferase
2 non-polymer "URIDINE-5'-DIPHOSPHATE"
3 non-polymer 2-acetamido-2-deoxy-alpha-D-glucopyranose
4 water water
#
_entity_poly.entity_id   1
_entity_poly.type   'polypeptide(L)'
_entity_poly.pdbx_seq_one_letter_code
;FQGHMKIGITCYPSMGGSGIIATELGIKLAERGHEVHFITSNIPFRIRKPLPNMIFHQVEVNQYAVFQYPPYDITLSTKI
AEVIKEYDLDLLHMHYAVPHAICGILAREMSGKDIKIMTTLHGTDITVLGYDHSLQGAIKFGIEKSDIVTSVSKSLAQET
HEIIETNKEIIPIYNFVRENEFPTKHNTALKSQFGIAPDEKVLIHVSNFRQVKRIDTIIETFAKVREKIPSKLILLGDGP
ELVPMRQLTKELNVEEDVLFLGKQDCVSEFYQLSDLVLLLSEKESFGLTLLEAMKTGVVPIGSNAGGIKEVIKHGETGFV
VDVGDCDSASDYAIRLLEDKVLYNKLQKNMLADIAERFGSELITDQYEYYYQKMLNE
;
_entity_poly.pdbx_strand_id   A
#
# COMPACT_ATOMS: atom_id res chain seq x y z
N PHE A 1 9.56 -19.74 18.80
CA PHE A 1 8.27 -19.08 18.96
C PHE A 1 7.78 -19.18 20.40
N GLN A 2 7.38 -18.04 20.98
CA GLN A 2 6.83 -18.06 22.34
C GLN A 2 5.32 -18.21 22.35
N GLY A 3 4.66 -18.16 21.19
CA GLY A 3 3.25 -18.54 21.11
C GLY A 3 2.21 -17.46 20.85
N HIS A 4 1.01 -17.69 21.38
CA HIS A 4 -0.14 -16.81 21.17
C HIS A 4 0.14 -15.40 21.68
N MET A 5 -0.25 -14.39 20.90
CA MET A 5 -0.04 -13.00 21.29
C MET A 5 -1.34 -12.21 21.25
N LYS A 6 -1.46 -11.26 22.17
CA LYS A 6 -2.59 -10.32 22.20
C LYS A 6 -2.09 -8.98 21.64
N ILE A 7 -2.63 -8.59 20.48
CA ILE A 7 -2.05 -7.59 19.60
C ILE A 7 -3.07 -6.49 19.34
N GLY A 8 -2.65 -5.24 19.50
CA GLY A 8 -3.43 -4.07 19.12
C GLY A 8 -2.83 -3.43 17.87
N ILE A 9 -3.67 -3.20 16.87
CA ILE A 9 -3.25 -2.65 15.59
C ILE A 9 -3.95 -1.32 15.36
N THR A 10 -3.19 -0.31 14.95
CA THR A 10 -3.80 0.97 14.62
C THR A 10 -3.27 1.45 13.28
N CYS A 11 -4.20 1.83 12.42
CA CYS A 11 -3.89 2.40 11.12
C CYS A 11 -5.08 3.30 10.74
N TYR A 12 -5.00 3.91 9.57
CA TYR A 12 -6.17 4.49 8.92
C TYR A 12 -6.71 3.44 7.96
N PRO A 13 -7.79 2.72 8.31
CA PRO A 13 -8.16 1.55 7.49
C PRO A 13 -8.57 1.87 6.05
N SER A 14 -8.83 3.14 5.74
CA SER A 14 -9.34 3.57 4.44
C SER A 14 -8.33 4.37 3.62
N MET A 15 -7.10 4.47 4.04
CA MET A 15 -6.10 5.28 3.33
C MET A 15 -5.08 4.34 2.66
N GLY A 16 -5.23 4.18 1.35
CA GLY A 16 -4.20 3.63 0.49
C GLY A 16 -3.72 2.24 0.89
N GLY A 17 -2.48 1.94 0.50
CA GLY A 17 -1.93 0.63 0.75
C GLY A 17 -1.70 0.32 2.22
N SER A 18 -1.35 1.33 3.03
CA SER A 18 -1.04 1.08 4.43
C SER A 18 -2.25 0.51 5.16
N GLY A 19 -3.45 1.01 4.87
CA GLY A 19 -4.63 0.51 5.54
C GLY A 19 -4.96 -0.91 5.14
N ILE A 20 -4.80 -1.24 3.85
CA ILE A 20 -4.98 -2.62 3.38
C ILE A 20 -3.98 -3.54 4.06
N ILE A 21 -2.70 -3.19 4.04
CA ILE A 21 -1.65 -4.03 4.60
C ILE A 21 -1.92 -4.32 6.08
N ALA A 22 -2.16 -3.27 6.86
CA ALA A 22 -2.33 -3.45 8.30
C ALA A 22 -3.56 -4.30 8.61
N THR A 23 -4.64 -4.12 7.84
CA THR A 23 -5.84 -4.93 8.05
C THR A 23 -5.61 -6.40 7.66
N GLU A 24 -5.05 -6.64 6.47
CA GLU A 24 -4.81 -8.03 6.04
C GLU A 24 -3.78 -8.72 6.93
N LEU A 25 -2.74 -8.00 7.37
CA LEU A 25 -1.82 -8.60 8.34
C LEU A 25 -2.58 -9.03 9.61
N GLY A 26 -3.43 -8.15 10.12
CA GLY A 26 -4.22 -8.50 11.29
C GLY A 26 -5.10 -9.72 11.04
N ILE A 27 -5.70 -9.81 9.85
CA ILE A 27 -6.54 -10.97 9.53
C ILE A 27 -5.70 -12.24 9.50
N LYS A 28 -4.52 -12.20 8.85
CA LYS A 28 -3.65 -13.37 8.81
C LYS A 28 -3.25 -13.81 10.20
N LEU A 29 -2.86 -12.85 11.06
CA LEU A 29 -2.50 -13.22 12.43
C LEU A 29 -3.68 -13.81 13.18
N ALA A 30 -4.89 -13.30 12.92
CA ALA A 30 -6.08 -13.81 13.61
C ALA A 30 -6.40 -15.23 13.15
N GLU A 31 -6.16 -15.52 11.87
CA GLU A 31 -6.44 -16.85 11.35
C GLU A 31 -5.49 -17.89 11.94
N ARG A 32 -4.26 -17.50 12.25
CA ARG A 32 -3.35 -18.38 12.99
C ARG A 32 -3.76 -18.56 14.46
N GLY A 33 -4.72 -17.78 14.96
CA GLY A 33 -5.15 -17.90 16.35
C GLY A 33 -4.65 -16.82 17.31
N HIS A 34 -3.91 -15.82 16.85
CA HIS A 34 -3.61 -14.71 17.74
C HIS A 34 -4.89 -13.92 18.05
N GLU A 35 -4.88 -13.22 19.19
CA GLU A 35 -6.02 -12.37 19.55
C GLU A 35 -5.71 -10.96 19.03
N VAL A 36 -6.48 -10.51 18.05
CA VAL A 36 -6.15 -9.31 17.29
C VAL A 36 -7.22 -8.25 17.57
N HIS A 37 -6.77 -7.09 18.03
CA HIS A 37 -7.64 -5.94 18.28
C HIS A 37 -7.25 -4.81 17.35
N PHE A 38 -8.15 -4.40 16.48
CA PHE A 38 -7.99 -3.16 15.72
C PHE A 38 -8.55 -2.00 16.54
N ILE A 39 -7.83 -0.89 16.53
CA ILE A 39 -8.29 0.32 17.21
C ILE A 39 -8.05 1.48 16.25
N THR A 40 -9.13 1.96 15.64
CA THR A 40 -9.09 3.01 14.64
C THR A 40 -10.21 4.00 14.95
N SER A 41 -10.24 5.07 14.18
CA SER A 41 -11.33 6.05 14.33
C SER A 41 -12.57 5.54 13.60
N ASN A 42 -13.64 6.30 13.60
CA ASN A 42 -14.92 5.90 12.96
C ASN A 42 -14.77 5.89 11.43
N ILE A 43 -14.13 4.85 10.91
CA ILE A 43 -13.76 4.63 9.49
C ILE A 43 -13.97 3.15 9.27
N PRO A 44 -14.61 2.82 8.16
CA PRO A 44 -14.93 1.43 7.85
C PRO A 44 -13.69 0.67 7.41
N PHE A 45 -13.89 -0.64 7.32
CA PHE A 45 -12.85 -1.61 7.07
C PHE A 45 -13.45 -2.67 6.16
N ARG A 46 -12.60 -3.56 5.65
CA ARG A 46 -13.04 -4.68 4.82
C ARG A 46 -12.61 -5.97 5.53
N ILE A 47 -13.56 -6.62 6.22
CA ILE A 47 -13.33 -7.86 6.94
C ILE A 47 -14.29 -8.91 6.39
N ARG A 48 -13.74 -9.98 5.81
CA ARG A 48 -14.57 -10.94 5.09
C ARG A 48 -15.52 -11.68 6.04
N LYS A 49 -15.00 -12.15 7.18
CA LYS A 49 -15.78 -12.94 8.09
C LYS A 49 -15.44 -12.60 9.53
N PRO A 50 -16.40 -12.72 10.45
CA PRO A 50 -16.07 -12.54 11.86
C PRO A 50 -15.33 -13.74 12.45
N LEU A 51 -14.35 -13.43 13.29
CA LEU A 51 -13.62 -14.41 14.06
C LEU A 51 -13.76 -14.07 15.53
N PRO A 52 -14.03 -15.03 16.41
CA PRO A 52 -14.16 -14.71 17.84
C PRO A 52 -12.93 -14.02 18.43
N ASN A 53 -11.77 -14.14 17.79
CA ASN A 53 -10.50 -13.66 18.33
C ASN A 53 -10.00 -12.42 17.61
N MET A 54 -10.89 -11.73 16.87
CA MET A 54 -10.55 -10.52 16.11
C MET A 54 -11.63 -9.46 16.35
N ILE A 55 -11.29 -8.40 17.09
CA ILE A 55 -12.25 -7.38 17.48
C ILE A 55 -11.85 -6.03 16.88
N PHE A 56 -12.84 -5.35 16.30
CA PHE A 56 -12.67 -4.00 15.77
C PHE A 56 -13.22 -3.00 16.78
N HIS A 57 -12.33 -2.26 17.41
CA HIS A 57 -12.68 -1.18 18.31
C HIS A 57 -12.63 0.13 17.52
N GLN A 58 -13.67 0.93 17.65
CA GLN A 58 -13.76 2.14 16.85
C GLN A 58 -14.13 3.30 17.76
N VAL A 59 -13.44 4.40 17.60
CA VAL A 59 -13.60 5.54 18.47
C VAL A 59 -14.16 6.68 17.64
N GLU A 60 -15.08 7.43 18.24
CA GLU A 60 -15.69 8.58 17.61
C GLU A 60 -14.88 9.81 18.02
N VAL A 61 -14.50 10.62 17.04
CA VAL A 61 -13.71 11.82 17.25
C VAL A 61 -14.65 13.00 17.05
N ASN A 62 -15.09 13.62 18.13
CA ASN A 62 -16.00 14.75 18.07
C ASN A 62 -15.31 15.97 18.64
N GLN A 63 -15.44 17.09 17.93
CA GLN A 63 -15.23 18.40 18.54
C GLN A 63 -16.47 18.71 19.36
N TYR A 64 -16.28 19.36 20.50
CA TYR A 64 -17.45 19.82 21.22
C TYR A 64 -17.53 21.32 20.93
N ALA A 65 -17.98 22.14 21.87
CA ALA A 65 -17.66 23.55 21.76
C ALA A 65 -16.38 23.89 22.51
N VAL A 66 -15.68 22.87 23.01
CA VAL A 66 -14.55 23.07 23.89
C VAL A 66 -13.22 22.99 23.14
N PHE A 67 -13.06 22.05 22.21
CA PHE A 67 -11.79 21.91 21.52
C PHE A 67 -11.75 22.79 20.28
N GLN A 68 -10.55 23.30 19.95
CA GLN A 68 -10.37 24.01 18.69
C GLN A 68 -10.34 23.06 17.50
N TYR A 69 -9.81 21.85 17.70
CA TYR A 69 -9.69 20.83 16.68
C TYR A 69 -10.18 19.51 17.25
N PRO A 70 -10.79 18.65 16.43
CA PRO A 70 -11.21 17.31 16.92
C PRO A 70 -10.01 16.55 17.46
N PRO A 71 -10.06 16.08 18.70
CA PRO A 71 -8.85 15.53 19.33
C PRO A 71 -8.61 14.07 18.97
N TYR A 72 -8.27 13.85 17.70
CA TYR A 72 -8.02 12.50 17.20
C TYR A 72 -6.98 11.78 18.05
N ASP A 73 -5.80 12.39 18.20
CA ASP A 73 -4.67 11.70 18.82
C ASP A 73 -5.00 11.26 20.24
N ILE A 74 -5.59 12.15 21.03
CA ILE A 74 -5.87 11.83 22.43
C ILE A 74 -7.01 10.83 22.54
N THR A 75 -8.06 11.02 21.75
CA THR A 75 -9.17 10.06 21.73
C THR A 75 -8.68 8.67 21.38
N LEU A 76 -7.83 8.55 20.36
CA LEU A 76 -7.36 7.24 19.96
C LEU A 76 -6.42 6.63 21.01
N SER A 77 -5.49 7.43 21.55
CA SER A 77 -4.63 6.93 22.62
C SER A 77 -5.45 6.41 23.80
N THR A 78 -6.50 7.14 24.17
CA THR A 78 -7.34 6.73 25.29
C THR A 78 -8.00 5.39 25.00
N LYS A 79 -8.52 5.22 23.78
CA LYS A 79 -9.16 3.97 23.39
C LYS A 79 -8.16 2.82 23.39
N ILE A 80 -6.97 3.02 22.84
CA ILE A 80 -5.96 1.96 22.87
C ILE A 80 -5.63 1.60 24.30
N ALA A 81 -5.48 2.61 25.17
CA ALA A 81 -5.17 2.33 26.57
C ALA A 81 -6.28 1.54 27.23
N GLU A 82 -7.54 1.83 26.91
CA GLU A 82 -8.64 1.06 27.48
C GLU A 82 -8.59 -0.39 27.00
N VAL A 83 -8.26 -0.62 25.72
CA VAL A 83 -8.14 -2.00 25.22
C VAL A 83 -6.96 -2.71 25.88
N ILE A 84 -5.83 -2.02 26.07
CA ILE A 84 -4.71 -2.61 26.81
C ILE A 84 -5.15 -3.09 28.18
N LYS A 85 -5.84 -2.24 28.94
CA LYS A 85 -6.23 -2.63 30.29
C LYS A 85 -7.25 -3.76 30.27
N GLU A 86 -8.24 -3.67 29.39
CA GLU A 86 -9.34 -4.64 29.44
C GLU A 86 -8.91 -6.03 28.98
N TYR A 87 -8.03 -6.12 27.99
CA TYR A 87 -7.68 -7.40 27.39
C TYR A 87 -6.23 -7.81 27.64
N ASP A 88 -5.49 -7.04 28.43
CA ASP A 88 -4.12 -7.36 28.79
C ASP A 88 -3.26 -7.63 27.54
N LEU A 89 -3.30 -6.67 26.60
CA LEU A 89 -2.54 -6.80 25.37
C LEU A 89 -1.05 -6.95 25.64
N ASP A 90 -0.37 -7.73 24.79
CA ASP A 90 1.08 -7.88 24.85
C ASP A 90 1.85 -6.83 24.06
N LEU A 91 1.31 -6.37 22.94
CA LEU A 91 2.08 -5.47 22.09
C LEU A 91 1.14 -4.65 21.22
N LEU A 92 1.68 -3.55 20.72
CA LEU A 92 0.99 -2.66 19.79
C LEU A 92 1.76 -2.67 18.48
N HIS A 93 1.01 -2.68 17.38
CA HIS A 93 1.59 -2.51 16.06
C HIS A 93 0.95 -1.26 15.47
N MET A 94 1.73 -0.18 15.41
CA MET A 94 1.28 1.12 14.93
C MET A 94 1.80 1.35 13.53
N HIS A 95 0.94 1.88 12.67
CA HIS A 95 1.33 2.19 11.29
C HIS A 95 1.40 3.69 11.12
N TYR A 96 2.59 4.19 10.75
CA TYR A 96 3.03 5.58 10.67
C TYR A 96 3.72 6.01 11.95
N ALA A 97 4.86 6.70 11.81
CA ALA A 97 5.43 7.37 12.98
C ALA A 97 4.48 8.44 13.53
N VAL A 98 3.82 9.22 12.66
CA VAL A 98 2.78 10.14 13.11
C VAL A 98 1.52 9.92 12.29
N PRO A 99 0.33 9.87 12.92
CA PRO A 99 0.25 10.05 14.37
C PRO A 99 0.44 8.78 15.23
N HIS A 100 0.51 7.60 14.60
CA HIS A 100 0.10 6.40 15.35
C HIS A 100 1.18 5.87 16.29
N ALA A 101 2.47 5.95 15.93
CA ALA A 101 3.51 5.57 16.90
C ALA A 101 3.41 6.41 18.18
N ILE A 102 3.23 7.73 18.03
CA ILE A 102 3.06 8.60 19.20
C ILE A 102 1.80 8.20 19.98
N CYS A 103 0.70 7.90 19.27
CA CYS A 103 -0.52 7.44 19.95
C CYS A 103 -0.26 6.18 20.78
N GLY A 104 0.50 5.23 20.24
CA GLY A 104 0.80 4.02 20.99
C GLY A 104 1.71 4.31 22.17
N ILE A 105 2.68 5.20 21.99
CA ILE A 105 3.55 5.59 23.09
C ILE A 105 2.75 6.26 24.20
N LEU A 106 1.79 7.13 23.83
CA LEU A 106 0.98 7.77 24.85
C LEU A 106 0.06 6.74 25.52
N ALA A 107 -0.51 5.82 24.75
CA ALA A 107 -1.40 4.80 25.31
C ALA A 107 -0.66 3.89 26.28
N ARG A 108 0.59 3.55 25.98
CA ARG A 108 1.35 2.76 26.94
C ARG A 108 1.47 3.49 28.28
N GLU A 109 1.77 4.80 28.24
CA GLU A 109 1.76 5.60 29.46
C GLU A 109 0.41 5.58 30.15
N MET A 110 -0.67 5.78 29.38
CA MET A 110 -2.00 5.84 29.98
C MET A 110 -2.45 4.50 30.55
N SER A 111 -1.93 3.38 30.02
CA SER A 111 -2.39 2.07 30.45
C SER A 111 -1.72 1.60 31.73
N GLY A 112 -0.54 2.12 32.06
CA GLY A 112 0.22 1.65 33.20
C GLY A 112 1.03 0.39 32.95
N LYS A 113 0.82 -0.31 31.84
CA LYS A 113 1.55 -1.54 31.52
C LYS A 113 2.67 -1.23 30.53
N ASP A 114 3.83 -1.86 30.72
CA ASP A 114 4.93 -1.67 29.78
C ASP A 114 4.75 -2.64 28.61
N ILE A 115 3.88 -2.26 27.72
CA ILE A 115 3.60 -3.01 26.51
C ILE A 115 4.71 -2.72 25.50
N LYS A 116 4.98 -3.67 24.60
CA LYS A 116 5.94 -3.40 23.54
C LYS A 116 5.23 -2.80 22.34
N ILE A 117 5.97 -2.00 21.57
CA ILE A 117 5.42 -1.27 20.43
C ILE A 117 6.30 -1.52 19.21
N MET A 118 5.70 -2.08 18.16
CA MET A 118 6.30 -2.07 16.84
C MET A 118 5.67 -0.96 16.02
N THR A 119 6.48 -0.21 15.29
CA THR A 119 6.00 0.81 14.36
C THR A 119 6.45 0.46 12.94
N THR A 120 5.52 0.51 11.98
CA THR A 120 5.85 0.25 10.58
C THR A 120 5.78 1.56 9.81
N LEU A 121 6.88 1.90 9.13
CA LEU A 121 6.92 3.09 8.30
C LEU A 121 6.48 2.74 6.89
N HIS A 122 5.63 3.59 6.32
CA HIS A 122 5.09 3.40 4.98
C HIS A 122 5.52 4.52 4.04
N GLY A 123 6.28 5.51 4.52
CA GLY A 123 6.72 6.62 3.72
C GLY A 123 5.96 7.92 3.96
N THR A 124 4.80 7.88 4.63
CA THR A 124 4.01 9.10 4.83
C THR A 124 4.75 10.10 5.72
N ASP A 125 5.66 9.62 6.57
CA ASP A 125 6.44 10.52 7.41
C ASP A 125 7.45 11.32 6.58
N ILE A 126 7.95 10.75 5.48
CA ILE A 126 8.77 11.53 4.56
C ILE A 126 7.91 12.55 3.80
N THR A 127 6.73 12.13 3.34
CA THR A 127 5.81 13.02 2.66
C THR A 127 5.51 14.26 3.50
N VAL A 128 5.09 14.03 4.75
CA VAL A 128 4.79 15.14 5.66
C VAL A 128 5.95 16.11 5.73
N LEU A 129 7.18 15.60 5.91
CA LEU A 129 8.34 16.49 6.06
C LEU A 129 8.68 17.25 4.78
N GLY A 130 8.23 16.78 3.62
CA GLY A 130 8.38 17.58 2.42
C GLY A 130 7.53 18.85 2.41
N TYR A 131 6.44 18.86 3.18
CA TYR A 131 5.61 20.06 3.23
C TYR A 131 6.00 21.00 4.35
N ASP A 132 6.58 20.45 5.43
CA ASP A 132 6.45 21.11 6.72
C ASP A 132 7.29 20.36 7.75
N HIS A 133 8.28 21.02 8.35
CA HIS A 133 9.18 20.39 9.31
C HIS A 133 8.69 20.48 10.75
N SER A 134 7.47 20.97 11.00
CA SER A 134 6.94 21.03 12.37
C SER A 134 7.05 19.69 13.09
N LEU A 135 6.77 18.59 12.40
CA LEU A 135 6.67 17.29 13.06
C LEU A 135 7.97 16.49 13.03
N GLN A 136 9.08 17.10 12.60
CA GLN A 136 10.35 16.38 12.54
C GLN A 136 10.70 15.72 13.88
N GLY A 137 10.60 16.48 14.97
CA GLY A 137 10.94 15.92 16.28
C GLY A 137 10.00 14.82 16.72
N ALA A 138 8.71 14.93 16.38
CA ALA A 138 7.77 13.87 16.73
C ALA A 138 8.07 12.58 15.95
N ILE A 139 8.38 12.71 14.66
CA ILE A 139 8.70 11.54 13.85
C ILE A 139 9.94 10.84 14.41
N LYS A 140 10.96 11.61 14.75
CA LYS A 140 12.17 11.04 15.32
C LYS A 140 11.89 10.35 16.64
N PHE A 141 11.06 10.96 17.50
CA PHE A 141 10.74 10.38 18.79
C PHE A 141 9.93 9.10 18.63
N GLY A 142 8.93 9.13 17.74
CA GLY A 142 8.12 7.94 17.53
C GLY A 142 8.94 6.77 17.04
N ILE A 143 9.94 7.05 16.18
CA ILE A 143 10.85 6.01 15.72
C ILE A 143 11.74 5.52 16.86
N GLU A 144 12.31 6.45 17.64
CA GLU A 144 13.34 6.04 18.60
C GLU A 144 12.75 5.43 19.87
N LYS A 145 11.52 5.76 20.23
CA LYS A 145 10.91 5.14 21.41
C LYS A 145 10.08 3.90 21.07
N SER A 146 9.93 3.56 19.80
CA SER A 146 9.36 2.25 19.47
C SER A 146 10.38 1.17 19.81
N ASP A 147 9.88 0.00 20.19
CA ASP A 147 10.79 -1.09 20.49
C ASP A 147 11.41 -1.67 19.22
N ILE A 148 10.62 -1.77 18.14
CA ILE A 148 11.13 -2.18 16.83
C ILE A 148 10.48 -1.31 15.77
N VAL A 149 11.24 -0.93 14.75
CA VAL A 149 10.74 -0.15 13.63
C VAL A 149 11.00 -0.94 12.35
N THR A 150 9.96 -1.08 11.53
CA THR A 150 10.07 -1.72 10.23
C THR A 150 9.73 -0.70 9.13
N SER A 151 10.09 -1.06 7.89
CA SER A 151 9.75 -0.25 6.73
C SER A 151 9.36 -1.19 5.59
N VAL A 152 8.46 -0.71 4.73
CA VAL A 152 7.92 -1.57 3.67
C VAL A 152 8.87 -1.75 2.50
N SER A 153 10.02 -1.08 2.50
CA SER A 153 11.07 -1.35 1.51
C SER A 153 12.43 -0.94 2.09
N LYS A 154 13.49 -1.39 1.42
CA LYS A 154 14.85 -1.02 1.81
C LYS A 154 15.12 0.43 1.45
N SER A 155 14.65 0.86 0.29
CA SER A 155 14.72 2.26 -0.10
C SER A 155 14.14 3.16 0.99
N LEU A 156 13.01 2.77 1.60
CA LEU A 156 12.39 3.64 2.60
C LEU A 156 13.23 3.67 3.87
N ALA A 157 13.82 2.54 4.25
CA ALA A 157 14.67 2.53 5.43
C ALA A 157 15.86 3.47 5.22
N GLN A 158 16.46 3.45 4.03
CA GLN A 158 17.63 4.30 3.80
C GLN A 158 17.24 5.77 3.78
N GLU A 159 16.17 6.10 3.06
CA GLU A 159 15.69 7.48 3.00
C GLU A 159 15.33 8.01 4.38
N THR A 160 14.78 7.17 5.25
CA THR A 160 14.46 7.58 6.61
C THR A 160 15.72 7.94 7.39
N HIS A 161 16.76 7.10 7.30
CA HIS A 161 18.01 7.38 8.01
C HIS A 161 18.64 8.67 7.52
N GLU A 162 18.52 8.96 6.22
CA GLU A 162 19.02 10.21 5.66
C GLU A 162 18.27 11.41 6.25
N ILE A 163 16.94 11.37 6.19
CA ILE A 163 16.12 12.55 6.42
C ILE A 163 15.83 12.78 7.90
N ILE A 164 15.80 11.72 8.71
CA ILE A 164 15.47 11.87 10.12
C ILE A 164 16.72 11.82 11.00
N GLU A 165 17.84 11.30 10.47
CA GLU A 165 19.10 11.35 11.19
C GLU A 165 18.97 10.67 12.54
N THR A 166 18.81 9.35 12.47
CA THR A 166 18.70 8.51 13.66
C THR A 166 19.57 7.29 13.44
N ASN A 167 20.10 6.75 14.53
CA ASN A 167 20.83 5.49 14.50
C ASN A 167 19.94 4.30 14.81
N LYS A 168 18.64 4.52 14.99
CA LYS A 168 17.70 3.44 15.21
C LYS A 168 17.74 2.45 14.04
N GLU A 169 17.81 1.16 14.36
CA GLU A 169 17.74 0.13 13.35
C GLU A 169 16.31 0.04 12.79
N ILE A 170 16.19 0.09 11.46
CA ILE A 170 14.90 -0.06 10.78
C ILE A 170 14.95 -1.35 9.97
N ILE A 171 14.02 -2.26 10.25
CA ILE A 171 14.00 -3.59 9.65
C ILE A 171 13.12 -3.55 8.41
N PRO A 172 13.65 -3.76 7.21
CA PRO A 172 12.78 -3.84 6.02
C PRO A 172 11.95 -5.13 6.02
N ILE A 173 10.63 -5.00 6.01
CA ILE A 173 9.72 -6.12 5.76
C ILE A 173 8.76 -5.70 4.66
N TYR A 174 8.77 -6.45 3.56
CA TYR A 174 8.02 -6.07 2.37
C TYR A 174 6.53 -6.23 2.56
N ASN A 175 5.78 -5.60 1.66
CA ASN A 175 4.34 -5.79 1.62
C ASN A 175 4.00 -7.11 0.89
N PHE A 176 2.73 -7.48 1.01
CA PHE A 176 2.20 -8.73 0.48
C PHE A 176 0.77 -8.47 0.02
N VAL A 177 0.22 -9.41 -0.75
CA VAL A 177 -1.21 -9.48 -1.02
C VAL A 177 -1.70 -10.84 -0.56
N ARG A 178 -3.00 -10.92 -0.27
CA ARG A 178 -3.62 -12.19 0.06
C ARG A 178 -3.89 -12.95 -1.23
N GLU A 179 -3.19 -14.06 -1.41
CA GLU A 179 -3.22 -14.86 -2.66
C GLU A 179 -4.63 -15.24 -3.08
N ASN A 180 -5.49 -15.59 -2.13
CA ASN A 180 -6.88 -16.02 -2.44
C ASN A 180 -7.75 -14.87 -2.94
N GLU A 181 -7.40 -13.63 -2.63
CA GLU A 181 -8.15 -12.46 -3.11
C GLU A 181 -7.66 -12.07 -4.51
N PHE A 182 -6.52 -12.56 -4.93
CA PHE A 182 -6.02 -12.18 -6.26
C PHE A 182 -5.65 -13.44 -7.02
N PRO A 183 -6.65 -14.20 -7.48
CA PRO A 183 -6.37 -15.37 -8.32
C PRO A 183 -5.65 -14.97 -9.61
N THR A 184 -4.64 -15.74 -9.96
CA THR A 184 -3.98 -15.61 -11.26
C THR A 184 -4.94 -16.12 -12.34
N LYS A 185 -5.67 -15.20 -12.97
CA LYS A 185 -6.61 -15.59 -14.00
C LYS A 185 -6.91 -14.39 -14.87
N HIS A 186 -7.45 -14.66 -16.05
CA HIS A 186 -7.77 -13.63 -17.04
C HIS A 186 -9.21 -13.81 -17.46
N ASN A 187 -10.04 -12.80 -17.22
CA ASN A 187 -11.44 -12.83 -17.61
C ASN A 187 -11.72 -11.80 -18.71
N THR A 188 -12.80 -12.03 -19.48
CA THR A 188 -13.30 -11.08 -20.46
C THR A 188 -14.79 -10.83 -20.32
N ALA A 189 -15.48 -11.53 -19.42
CA ALA A 189 -16.89 -11.26 -19.20
C ALA A 189 -17.15 -9.80 -18.84
N LEU A 190 -16.34 -9.24 -17.94
CA LEU A 190 -16.48 -7.84 -17.57
C LEU A 190 -16.04 -6.89 -18.68
N LYS A 191 -15.21 -7.36 -19.61
CA LYS A 191 -14.63 -6.47 -20.62
C LYS A 191 -15.71 -5.84 -21.50
N SER A 192 -16.70 -6.63 -21.92
CA SER A 192 -17.77 -6.11 -22.76
C SER A 192 -18.63 -5.09 -22.03
N GLN A 193 -19.01 -5.42 -20.78
CA GLN A 193 -19.81 -4.52 -19.95
C GLN A 193 -19.28 -3.10 -19.96
N PHE A 194 -17.97 -2.94 -19.93
CA PHE A 194 -17.33 -1.63 -19.89
C PHE A 194 -16.95 -1.14 -21.29
N GLY A 195 -17.48 -1.75 -22.33
CA GLY A 195 -17.26 -1.26 -23.68
C GLY A 195 -15.84 -1.44 -24.20
N ILE A 196 -15.22 -2.59 -23.94
CA ILE A 196 -13.89 -2.91 -24.43
C ILE A 196 -14.01 -4.13 -25.34
N ALA A 197 -13.62 -3.98 -26.60
CA ALA A 197 -13.71 -5.08 -27.56
C ALA A 197 -12.74 -6.18 -27.19
N PRO A 198 -13.05 -7.43 -27.55
CA PRO A 198 -12.17 -8.56 -27.18
C PRO A 198 -10.76 -8.46 -27.73
N ASP A 199 -10.56 -7.78 -28.86
CA ASP A 199 -9.24 -7.63 -29.47
C ASP A 199 -8.51 -6.38 -29.01
N GLU A 200 -9.01 -5.68 -28.00
CA GLU A 200 -8.35 -4.48 -27.51
C GLU A 200 -7.43 -4.83 -26.34
N LYS A 201 -6.23 -4.27 -26.36
CA LYS A 201 -5.30 -4.39 -25.24
C LYS A 201 -5.67 -3.37 -24.16
N VAL A 202 -5.52 -3.78 -22.89
CA VAL A 202 -5.95 -2.96 -21.75
C VAL A 202 -4.74 -2.63 -20.89
N LEU A 203 -4.49 -1.34 -20.70
CA LEU A 203 -3.53 -0.85 -19.73
C LEU A 203 -4.31 -0.30 -18.53
N ILE A 204 -3.81 -0.57 -17.32
CA ILE A 204 -4.53 -0.19 -16.11
C ILE A 204 -3.59 0.54 -15.16
N HIS A 205 -4.11 1.60 -14.52
CA HIS A 205 -3.45 2.32 -13.44
C HIS A 205 -4.47 2.51 -12.31
N VAL A 206 -4.03 2.27 -11.08
CA VAL A 206 -4.89 2.34 -9.88
C VAL A 206 -4.19 3.21 -8.85
N SER A 207 -4.80 4.37 -8.52
CA SER A 207 -4.17 5.23 -7.51
C SER A 207 -5.16 6.25 -6.94
N ASN A 208 -4.63 7.09 -6.04
CA ASN A 208 -5.34 8.19 -5.38
C ASN A 208 -5.28 9.50 -6.18
N PHE A 209 -4.74 9.47 -7.40
CA PHE A 209 -4.74 10.65 -8.28
C PHE A 209 -4.05 11.87 -7.66
N ARG A 210 -3.09 11.65 -6.79
CA ARG A 210 -2.25 12.76 -6.35
C ARG A 210 -1.16 13.03 -7.38
N GLN A 211 -0.59 14.24 -7.30
CA GLN A 211 0.42 14.65 -8.27
C GLN A 211 1.64 13.72 -8.24
N VAL A 212 2.00 13.22 -7.05
CA VAL A 212 3.16 12.34 -6.94
C VAL A 212 3.03 11.09 -7.81
N LYS A 213 1.81 10.74 -8.24
CA LYS A 213 1.59 9.54 -9.05
C LYS A 213 1.94 9.74 -10.53
N ARG A 214 2.13 10.98 -10.97
CA ARG A 214 2.54 11.29 -12.34
C ARG A 214 1.64 10.60 -13.36
N ILE A 215 0.32 10.73 -13.15
CA ILE A 215 -0.63 10.21 -14.13
C ILE A 215 -0.51 10.95 -15.45
N ASP A 216 0.12 12.14 -15.44
CA ASP A 216 0.44 12.81 -16.69
C ASP A 216 1.41 11.98 -17.53
N THR A 217 2.45 11.40 -16.89
CA THR A 217 3.33 10.50 -17.61
C THR A 217 2.59 9.26 -18.10
N ILE A 218 1.65 8.75 -17.31
CA ILE A 218 0.92 7.56 -17.68
C ILE A 218 0.05 7.84 -18.91
N ILE A 219 -0.58 9.00 -18.96
CA ILE A 219 -1.46 9.32 -20.07
C ILE A 219 -0.64 9.64 -21.32
N GLU A 220 0.48 10.36 -21.16
CA GLU A 220 1.40 10.58 -22.26
C GLU A 220 1.92 9.25 -22.81
N THR A 221 2.27 8.32 -21.93
CA THR A 221 2.70 7.00 -22.36
C THR A 221 1.60 6.31 -23.15
N PHE A 222 0.37 6.34 -22.65
CA PHE A 222 -0.73 5.68 -23.35
C PHE A 222 -0.96 6.27 -24.74
N ALA A 223 -0.82 7.59 -24.89
CA ALA A 223 -1.08 8.18 -26.19
C ALA A 223 -0.11 7.67 -27.24
N LYS A 224 1.16 7.49 -26.87
CA LYS A 224 2.14 6.90 -27.77
C LYS A 224 1.83 5.44 -28.08
N VAL A 225 1.40 4.68 -27.07
CA VAL A 225 1.02 3.29 -27.31
C VAL A 225 -0.18 3.22 -28.24
N ARG A 226 -1.15 4.13 -28.05
CA ARG A 226 -2.38 4.12 -28.83
C ARG A 226 -2.12 4.33 -30.32
N GLU A 227 -1.02 5.03 -30.66
CA GLU A 227 -0.69 5.24 -32.06
C GLU A 227 -0.45 3.93 -32.79
N LYS A 228 0.22 2.98 -32.14
CA LYS A 228 0.57 1.71 -32.77
C LYS A 228 -0.40 0.58 -32.46
N ILE A 229 -1.11 0.60 -31.34
CA ILE A 229 -1.88 -0.53 -30.86
C ILE A 229 -3.28 -0.10 -30.42
N PRO A 230 -4.34 -0.64 -31.02
CA PRO A 230 -5.70 -0.40 -30.47
C PRO A 230 -5.80 -0.87 -29.03
N SER A 231 -6.14 0.05 -28.14
CA SER A 231 -6.05 -0.23 -26.71
C SER A 231 -6.89 0.76 -25.92
N LYS A 232 -7.11 0.42 -24.66
CA LYS A 232 -7.79 1.25 -23.69
C LYS A 232 -6.90 1.43 -22.47
N LEU A 233 -6.92 2.64 -21.90
CA LEU A 233 -6.32 2.90 -20.60
C LEU A 233 -7.44 3.01 -19.58
N ILE A 234 -7.43 2.10 -18.60
CA ILE A 234 -8.37 2.14 -17.49
C ILE A 234 -7.70 2.84 -16.32
N LEU A 235 -8.33 3.90 -15.81
CA LEU A 235 -7.85 4.61 -14.63
C LEU A 235 -8.82 4.37 -13.48
N LEU A 236 -8.36 3.64 -12.46
CA LEU A 236 -9.16 3.39 -11.27
C LEU A 236 -8.73 4.34 -10.16
N GLY A 237 -9.72 4.83 -9.41
CA GLY A 237 -9.52 5.73 -8.29
C GLY A 237 -10.10 7.10 -8.56
N ASP A 238 -9.77 8.03 -7.67
CA ASP A 238 -10.22 9.41 -7.76
C ASP A 238 -9.34 10.21 -6.83
N GLY A 239 -9.35 11.54 -7.00
CA GLY A 239 -8.51 12.43 -6.25
C GLY A 239 -8.18 13.72 -6.94
N PRO A 240 -7.20 14.45 -6.40
CA PRO A 240 -6.98 15.87 -6.78
C PRO A 240 -6.72 16.12 -8.27
N GLU A 241 -6.06 15.19 -8.97
CA GLU A 241 -5.67 15.42 -10.36
C GLU A 241 -6.72 14.93 -11.37
N LEU A 242 -7.87 14.46 -10.90
CA LEU A 242 -8.87 13.91 -11.83
C LEU A 242 -9.16 14.87 -12.99
N VAL A 243 -9.55 16.10 -12.69
CA VAL A 243 -9.97 17.02 -13.75
C VAL A 243 -8.80 17.42 -14.65
N PRO A 244 -7.63 17.82 -14.13
CA PRO A 244 -6.50 18.08 -15.03
C PRO A 244 -6.15 16.89 -15.93
N MET A 245 -6.24 15.66 -15.40
CA MET A 245 -5.92 14.48 -16.21
C MET A 245 -6.98 14.24 -17.28
N ARG A 246 -8.26 14.43 -16.95
CA ARG A 246 -9.30 14.31 -17.97
C ARG A 246 -9.07 15.31 -19.08
N GLN A 247 -8.71 16.55 -18.75
CA GLN A 247 -8.41 17.53 -19.79
C GLN A 247 -7.17 17.14 -20.59
N LEU A 248 -6.19 16.49 -19.95
CA LEU A 248 -5.02 16.08 -20.72
C LEU A 248 -5.38 15.01 -21.76
N THR A 249 -6.37 14.16 -21.49
CA THR A 249 -6.78 13.19 -22.50
C THR A 249 -7.45 13.86 -23.71
N LYS A 250 -8.03 15.05 -23.52
CA LYS A 250 -8.59 15.77 -24.66
C LYS A 250 -7.51 16.44 -25.48
N GLU A 251 -6.51 17.04 -24.81
CA GLU A 251 -5.38 17.61 -25.54
C GLU A 251 -4.67 16.57 -26.40
N LEU A 252 -4.40 15.39 -25.84
CA LEU A 252 -3.78 14.31 -26.60
C LEU A 252 -4.76 13.56 -27.49
N ASN A 253 -6.01 14.00 -27.54
CA ASN A 253 -7.04 13.42 -28.41
C ASN A 253 -7.17 11.91 -28.23
N VAL A 254 -7.06 11.45 -26.98
CA VAL A 254 -7.25 10.05 -26.62
C VAL A 254 -8.45 9.86 -25.69
N GLU A 255 -9.34 10.86 -25.64
CA GLU A 255 -10.39 10.90 -24.62
C GLU A 255 -11.30 9.67 -24.66
N GLU A 256 -11.67 9.23 -25.86
CA GLU A 256 -12.55 8.08 -26.00
C GLU A 256 -11.88 6.76 -25.61
N ASP A 257 -10.55 6.72 -25.51
CA ASP A 257 -9.86 5.49 -25.16
C ASP A 257 -9.35 5.46 -23.73
N VAL A 258 -9.61 6.50 -22.93
CA VAL A 258 -9.26 6.53 -21.52
C VAL A 258 -10.55 6.44 -20.71
N LEU A 259 -10.65 5.42 -19.85
CA LEU A 259 -11.86 5.16 -19.08
C LEU A 259 -11.60 5.55 -17.62
N PHE A 260 -12.25 6.63 -17.18
CA PHE A 260 -12.21 7.08 -15.79
C PHE A 260 -13.32 6.38 -15.04
N LEU A 261 -12.98 5.29 -14.35
CA LEU A 261 -14.01 4.42 -13.79
C LEU A 261 -14.34 4.71 -12.33
N GLY A 262 -13.63 5.64 -11.68
CA GLY A 262 -13.89 5.99 -10.30
C GLY A 262 -13.30 4.97 -9.33
N LYS A 263 -13.74 5.09 -8.07
CA LYS A 263 -13.22 4.20 -7.03
C LYS A 263 -13.91 2.85 -7.11
N GLN A 264 -13.14 1.78 -6.88
CA GLN A 264 -13.64 0.41 -6.99
C GLN A 264 -13.29 -0.37 -5.74
N ASP A 265 -14.30 -1.05 -5.21
CA ASP A 265 -14.13 -1.98 -4.10
C ASP A 265 -13.35 -3.22 -4.52
N CYS A 266 -13.65 -3.76 -5.69
CA CYS A 266 -13.13 -5.05 -6.14
C CYS A 266 -12.20 -4.82 -7.32
N VAL A 267 -10.94 -4.46 -7.02
CA VAL A 267 -10.00 -4.17 -8.09
C VAL A 267 -9.51 -5.43 -8.82
N SER A 268 -9.51 -6.59 -8.16
CA SER A 268 -8.97 -7.80 -8.79
C SER A 268 -9.70 -8.14 -10.08
N GLU A 269 -11.01 -7.91 -10.13
CA GLU A 269 -11.75 -8.16 -11.35
C GLU A 269 -11.29 -7.25 -12.49
N PHE A 270 -10.82 -6.03 -12.18
CA PHE A 270 -10.29 -5.17 -13.24
C PHE A 270 -8.85 -5.56 -13.61
N TYR A 271 -8.05 -6.03 -12.65
CA TYR A 271 -6.73 -6.53 -13.01
C TYR A 271 -6.86 -7.75 -13.92
N GLN A 272 -7.89 -8.57 -13.69
CA GLN A 272 -8.09 -9.81 -14.44
C GLN A 272 -8.34 -9.57 -15.92
N LEU A 273 -8.91 -8.41 -16.29
CA LEU A 273 -9.08 -8.08 -17.70
C LEU A 273 -7.97 -7.20 -18.23
N SER A 274 -6.89 -6.99 -17.48
CA SER A 274 -5.85 -6.07 -17.90
C SER A 274 -4.65 -6.80 -18.47
N ASP A 275 -3.91 -6.12 -19.34
CA ASP A 275 -2.69 -6.66 -19.92
C ASP A 275 -1.42 -6.04 -19.35
N LEU A 276 -1.46 -4.75 -18.99
CA LEU A 276 -0.32 -4.05 -18.42
C LEU A 276 -0.78 -3.19 -17.25
N VAL A 277 0.03 -3.13 -16.19
CA VAL A 277 -0.18 -2.23 -15.07
C VAL A 277 0.96 -1.22 -15.05
N LEU A 278 0.62 0.05 -14.80
CA LEU A 278 1.56 1.16 -14.79
C LEU A 278 1.53 1.84 -13.43
N LEU A 279 2.72 2.09 -12.86
CA LEU A 279 2.90 2.95 -11.70
C LEU A 279 4.19 3.74 -11.93
N LEU A 280 4.06 4.99 -12.37
CA LEU A 280 5.19 5.81 -12.80
C LEU A 280 5.46 6.96 -11.84
N SER A 281 5.27 6.71 -10.54
CA SER A 281 5.28 7.72 -9.50
C SER A 281 6.66 8.35 -9.29
N GLU A 282 6.65 9.59 -8.81
CA GLU A 282 7.86 10.31 -8.40
C GLU A 282 8.41 9.80 -7.07
N LYS A 283 7.52 9.35 -6.18
CA LYS A 283 7.86 8.84 -4.86
C LYS A 283 6.93 7.69 -4.60
N GLU A 284 7.46 6.57 -4.14
CA GLU A 284 6.64 5.39 -3.91
C GLU A 284 7.46 4.45 -3.06
N SER A 285 7.01 4.20 -1.83
CA SER A 285 7.85 3.39 -0.97
C SER A 285 7.71 1.90 -1.28
N PHE A 286 6.55 1.48 -1.77
CA PHE A 286 6.40 0.10 -2.25
C PHE A 286 5.60 0.05 -3.54
N GLY A 287 4.29 0.35 -3.48
CA GLY A 287 3.44 0.30 -4.65
C GLY A 287 2.54 -0.92 -4.67
N LEU A 288 1.57 -0.95 -3.76
CA LEU A 288 0.78 -2.17 -3.55
C LEU A 288 -0.03 -2.54 -4.79
N THR A 289 -0.44 -1.54 -5.58
CA THR A 289 -1.20 -1.80 -6.79
C THR A 289 -0.40 -2.65 -7.79
N LEU A 290 0.93 -2.47 -7.85
CA LEU A 290 1.75 -3.33 -8.70
C LEU A 290 1.67 -4.79 -8.27
N LEU A 291 1.91 -5.06 -6.98
CA LEU A 291 1.90 -6.45 -6.51
C LEU A 291 0.53 -7.10 -6.72
N GLU A 292 -0.54 -6.32 -6.54
CA GLU A 292 -1.88 -6.85 -6.76
C GLU A 292 -2.07 -7.27 -8.21
N ALA A 293 -1.64 -6.41 -9.15
CA ALA A 293 -1.75 -6.74 -10.56
C ALA A 293 -0.82 -7.91 -10.92
N MET A 294 0.43 -7.85 -10.46
CA MET A 294 1.38 -8.93 -10.74
C MET A 294 0.86 -10.28 -10.24
N LYS A 295 0.32 -10.31 -9.03
CA LYS A 295 -0.27 -11.56 -8.54
C LYS A 295 -1.39 -12.04 -9.46
N THR A 296 -2.11 -11.11 -10.10
CA THR A 296 -3.16 -11.50 -11.03
C THR A 296 -2.61 -12.04 -12.35
N GLY A 297 -1.32 -11.80 -12.63
CA GLY A 297 -0.70 -12.19 -13.87
C GLY A 297 -0.35 -11.04 -14.78
N VAL A 298 -0.65 -9.80 -14.39
CA VAL A 298 -0.43 -8.62 -15.22
C VAL A 298 1.02 -8.14 -15.06
N VAL A 299 1.71 -7.96 -16.18
CA VAL A 299 3.13 -7.59 -16.19
C VAL A 299 3.27 -6.08 -15.93
N PRO A 300 4.23 -5.65 -15.07
CA PRO A 300 4.30 -4.23 -14.69
C PRO A 300 5.35 -3.40 -15.41
N ILE A 301 5.03 -2.10 -15.56
CA ILE A 301 6.01 -1.08 -15.93
C ILE A 301 5.97 -0.01 -14.84
N GLY A 302 7.11 0.24 -14.20
CA GLY A 302 7.17 1.17 -13.10
C GLY A 302 8.26 2.22 -13.35
N SER A 303 8.24 3.25 -12.52
CA SER A 303 9.36 4.17 -12.44
C SER A 303 10.43 3.57 -11.52
N ASN A 304 11.58 4.24 -11.43
CA ASN A 304 12.61 3.80 -10.51
C ASN A 304 12.57 4.56 -9.19
N ALA A 305 11.41 5.12 -8.84
CA ALA A 305 11.28 5.79 -7.56
C ALA A 305 11.19 4.78 -6.43
N GLY A 306 11.85 5.09 -5.32
CA GLY A 306 11.74 4.35 -4.08
C GLY A 306 11.75 2.84 -4.22
N GLY A 307 10.71 2.18 -3.71
CA GLY A 307 10.63 0.74 -3.66
C GLY A 307 10.12 0.07 -4.92
N ILE A 308 9.63 0.83 -5.89
CA ILE A 308 9.16 0.21 -7.14
C ILE A 308 10.27 -0.64 -7.77
N LYS A 309 11.50 -0.16 -7.72
CA LYS A 309 12.62 -0.90 -8.29
C LYS A 309 13.07 -2.06 -7.42
N GLU A 310 12.44 -2.27 -6.26
CA GLU A 310 12.58 -3.50 -5.49
C GLU A 310 11.48 -4.49 -5.78
N VAL A 311 10.30 -3.99 -6.18
CA VAL A 311 9.16 -4.84 -6.49
C VAL A 311 9.32 -5.44 -7.87
N ILE A 312 9.68 -4.60 -8.84
CA ILE A 312 9.93 -5.04 -10.22
C ILE A 312 11.41 -5.30 -10.37
N LYS A 313 11.76 -6.47 -10.90
CA LYS A 313 13.12 -6.77 -11.29
C LYS A 313 13.25 -6.39 -12.77
N HIS A 314 13.95 -5.29 -13.03
CA HIS A 314 14.02 -4.72 -14.37
C HIS A 314 14.59 -5.73 -15.37
N GLY A 315 13.81 -6.04 -16.40
CA GLY A 315 14.21 -6.99 -17.40
C GLY A 315 13.88 -8.44 -17.10
N GLU A 316 13.57 -8.78 -15.84
CA GLU A 316 13.23 -10.16 -15.47
C GLU A 316 11.76 -10.35 -15.17
N THR A 317 11.16 -9.45 -14.37
CA THR A 317 9.76 -9.56 -14.02
C THR A 317 8.93 -8.38 -14.52
N GLY A 318 9.53 -7.47 -15.27
CA GLY A 318 8.86 -6.29 -15.77
C GLY A 318 9.92 -5.25 -16.08
N PHE A 319 9.48 -4.01 -16.31
CA PHE A 319 10.41 -2.95 -16.69
C PHE A 319 10.30 -1.75 -15.74
N VAL A 320 11.43 -1.08 -15.59
CA VAL A 320 11.58 0.12 -14.77
C VAL A 320 12.16 1.22 -15.65
N VAL A 321 11.54 2.41 -15.62
CA VAL A 321 12.01 3.55 -16.39
C VAL A 321 12.25 4.73 -15.43
N ASP A 322 12.96 5.73 -15.93
CA ASP A 322 13.15 6.96 -15.18
C ASP A 322 11.83 7.70 -14.99
N VAL A 323 11.70 8.37 -13.83
CA VAL A 323 10.57 9.25 -13.60
C VAL A 323 10.43 10.22 -14.77
N GLY A 324 9.23 10.31 -15.33
CA GLY A 324 8.93 11.21 -16.42
C GLY A 324 9.20 10.68 -17.82
N ASP A 325 9.84 9.53 -17.96
CA ASP A 325 10.30 9.06 -19.27
C ASP A 325 9.18 8.32 -19.97
N CYS A 326 8.26 9.09 -20.57
CA CYS A 326 7.17 8.49 -21.35
C CYS A 326 7.66 7.85 -22.66
N ASP A 327 8.81 8.27 -23.19
CA ASP A 327 9.34 7.62 -24.39
C ASP A 327 9.69 6.16 -24.10
N SER A 328 10.52 5.92 -23.09
CA SER A 328 10.89 4.54 -22.75
C SER A 328 9.69 3.73 -22.30
N ALA A 329 8.80 4.33 -21.50
CA ALA A 329 7.66 3.57 -21.00
C ALA A 329 6.78 3.08 -22.14
N SER A 330 6.56 3.92 -23.15
CA SER A 330 5.73 3.49 -24.27
C SER A 330 6.45 2.47 -25.15
N ASP A 331 7.78 2.57 -25.23
CA ASP A 331 8.56 1.54 -25.94
C ASP A 331 8.37 0.19 -25.30
N TYR A 332 8.63 0.09 -23.99
CA TYR A 332 8.41 -1.16 -23.26
C TYR A 332 6.98 -1.65 -23.42
N ALA A 333 6.02 -0.73 -23.36
CA ALA A 333 4.62 -1.15 -23.37
C ALA A 333 4.24 -1.71 -24.74
N ILE A 334 4.66 -1.04 -25.83
CA ILE A 334 4.35 -1.53 -27.17
C ILE A 334 4.97 -2.89 -27.39
N ARG A 335 6.23 -3.07 -26.98
CA ARG A 335 6.87 -4.38 -27.04
C ARG A 335 6.02 -5.44 -26.33
N LEU A 336 5.65 -5.18 -25.07
CA LEU A 336 4.94 -6.19 -24.29
C LEU A 336 3.58 -6.49 -24.88
N LEU A 337 2.97 -5.53 -25.56
CA LEU A 337 1.65 -5.76 -26.13
C LEU A 337 1.71 -6.39 -27.51
N GLU A 338 2.89 -6.39 -28.14
CA GLU A 338 3.14 -7.06 -29.43
C GLU A 338 3.75 -8.44 -29.28
N ASP A 339 4.49 -8.70 -28.21
CA ASP A 339 5.42 -9.81 -28.13
C ASP A 339 4.99 -10.77 -27.03
N LYS A 340 4.24 -11.82 -27.43
CA LYS A 340 3.79 -12.83 -26.49
C LYS A 340 4.95 -13.58 -25.82
N VAL A 341 6.09 -13.71 -26.51
CA VAL A 341 7.21 -14.45 -25.94
C VAL A 341 7.83 -13.69 -24.78
N LEU A 342 8.07 -12.39 -24.97
CA LEU A 342 8.56 -11.54 -23.88
C LEU A 342 7.55 -11.51 -22.75
N TYR A 343 6.28 -11.28 -23.07
CA TYR A 343 5.25 -11.18 -22.06
C TYR A 343 5.20 -12.44 -21.19
N ASN A 344 5.11 -13.61 -21.84
CA ASN A 344 5.03 -14.88 -21.12
C ASN A 344 6.28 -15.14 -20.28
N LYS A 345 7.44 -14.69 -20.75
CA LYS A 345 8.68 -14.93 -20.01
C LYS A 345 8.72 -14.10 -18.74
N LEU A 346 8.52 -12.79 -18.85
CA LEU A 346 8.46 -11.93 -17.68
C LEU A 346 7.34 -12.36 -16.74
N GLN A 347 6.18 -12.74 -17.30
CA GLN A 347 5.07 -13.13 -16.46
C GLN A 347 5.40 -14.36 -15.62
N LYS A 348 6.14 -15.30 -16.19
CA LYS A 348 6.43 -16.52 -15.45
C LYS A 348 7.53 -16.30 -14.42
N ASN A 349 8.53 -15.48 -14.75
CA ASN A 349 9.49 -15.05 -13.74
C ASN A 349 8.80 -14.28 -12.61
N MET A 350 7.85 -13.42 -12.96
CA MET A 350 7.20 -12.55 -12.00
C MET A 350 6.36 -13.35 -11.00
N LEU A 351 5.57 -14.31 -11.49
CA LEU A 351 4.76 -15.12 -10.60
C LEU A 351 5.62 -15.94 -9.65
N ALA A 352 6.77 -16.40 -10.12
CA ALA A 352 7.66 -17.13 -9.20
C ALA A 352 8.29 -16.17 -8.22
N ASP A 353 8.77 -15.01 -8.69
CA ASP A 353 9.48 -14.08 -7.81
C ASP A 353 8.58 -13.52 -6.70
N ILE A 354 7.33 -13.16 -7.02
CA ILE A 354 6.49 -12.58 -5.97
C ILE A 354 6.10 -13.63 -4.94
N ALA A 355 6.04 -14.90 -5.34
CA ALA A 355 5.77 -15.96 -4.36
C ALA A 355 6.95 -16.15 -3.42
N GLU A 356 8.18 -15.97 -3.89
CA GLU A 356 9.34 -16.17 -3.03
C GLU A 356 9.59 -14.99 -2.10
N ARG A 357 9.29 -13.77 -2.54
CA ARG A 357 9.65 -12.60 -1.75
C ARG A 357 8.47 -11.94 -1.04
N PHE A 358 7.25 -12.05 -1.56
CA PHE A 358 6.11 -11.28 -1.06
C PHE A 358 4.94 -12.17 -0.65
N GLY A 359 5.18 -13.45 -0.40
CA GLY A 359 4.08 -14.33 0.00
C GLY A 359 3.52 -13.91 1.35
N SER A 360 2.18 -13.96 1.45
CA SER A 360 1.52 -13.54 2.68
C SER A 360 1.99 -14.36 3.88
N GLU A 361 2.19 -15.67 3.70
CA GLU A 361 2.64 -16.51 4.81
C GLU A 361 4.06 -16.16 5.23
N LEU A 362 4.94 -15.97 4.25
CA LEU A 362 6.31 -15.56 4.54
C LEU A 362 6.35 -14.22 5.28
N ILE A 363 5.58 -13.24 4.80
CA ILE A 363 5.68 -11.91 5.40
C ILE A 363 5.10 -11.92 6.81
N THR A 364 3.94 -12.57 6.98
CA THR A 364 3.37 -12.71 8.32
C THR A 364 4.37 -13.36 9.28
N ASP A 365 5.09 -14.40 8.82
CA ASP A 365 6.13 -15.02 9.63
C ASP A 365 7.19 -14.02 10.03
N GLN A 366 7.59 -13.13 9.11
CA GLN A 366 8.59 -12.12 9.45
C GLN A 366 8.07 -11.18 10.54
N TYR A 367 6.84 -10.70 10.38
CA TYR A 367 6.27 -9.83 11.41
C TYR A 367 6.15 -10.59 12.73
N GLU A 368 5.61 -11.81 12.68
CA GLU A 368 5.43 -12.60 13.90
C GLU A 368 6.78 -12.83 14.60
N TYR A 369 7.83 -13.05 13.82
CA TYR A 369 9.16 -13.22 14.39
C TYR A 369 9.59 -12.00 15.20
N TYR A 370 9.43 -10.81 14.63
CA TYR A 370 9.88 -9.62 15.35
C TYR A 370 8.95 -9.25 16.51
N TYR A 371 7.66 -9.59 16.42
CA TYR A 371 6.81 -9.49 17.60
C TYR A 371 7.44 -10.22 18.78
N GLN A 372 7.85 -11.48 18.56
CA GLN A 372 8.37 -12.28 19.67
C GLN A 372 9.74 -11.80 20.12
N LYS A 373 10.57 -11.33 19.18
CA LYS A 373 11.83 -10.71 19.56
C LYS A 373 11.61 -9.52 20.49
N MET A 374 10.57 -8.70 20.23
CA MET A 374 10.25 -7.57 21.10
C MET A 374 9.92 -8.05 22.49
N LEU A 375 9.10 -9.11 22.57
CA LEU A 375 8.61 -9.59 23.84
C LEU A 375 9.71 -10.23 24.68
N ASN A 376 10.80 -10.66 24.07
CA ASN A 376 11.88 -11.35 24.77
C ASN A 376 13.05 -10.43 25.14
N GLU A 377 13.05 -9.17 24.69
CA GLU A 377 14.13 -8.23 25.00
C GLU A 377 14.04 -7.77 26.46
#